data_8OJ2
#
_entry.id   8OJ2
#
_cell.length_a   79.622
_cell.length_b   79.682
_cell.length_c   146.297
_cell.angle_alpha   90.000
_cell.angle_beta   90.000
_cell.angle_gamma   90.000
#
_symmetry.space_group_name_H-M   'I 21 21 21'
#
loop_
_entity.id
_entity.type
_entity.pdbx_description
1 polymer 'Auxin response factor'
2 polymer IR7
3 non-polymer '2-(N-MORPHOLINO)-ETHANESULFONIC ACID'
4 non-polymer 'CHLORIDE ION'
5 water water
#
loop_
_entity_poly.entity_id
_entity_poly.type
_entity_poly.pdbx_seq_one_letter_code
_entity_poly.pdbx_strand_id
1 'polypeptide(L)'
;MASRQLATSHTAASNVSVAGDDGIDAELWYACAGPQKALPPVGSVVAYLPQGHIEQVASFNNQELDAQIPRYNLPAVIPC
MLNDIQLSADPDSDEVYATLTLCPMSEQHEDSSDCAEPPPPPKRKSRSFTKTLTVSDTSTHGGFSVPRRAADDCLPKLDM
SLNPPNQELVAKDLHGNEWRFRHIFRGQPKRHLLTTGWSVFVSQKRLVAGDAVLFLRGENGQLRVGVRRAPRQQQLQPKV
LTSPTMHIGVLAAAAHAATEKSRFSLIYNPRSCPSEFVIPYSKYLKAVKSNFNVGQRFKMKFESEDPSDRRHTGTITGIC
DFDPARWPGSEWRSLQVNWDESSSSERQERVSPWEVEPGNSYSQSM
;
A
2 'polydeoxyribonucleotide'
;(DT)(DT)(DG)(DT)(DC)(DT)(DC)(DC)(DC)(DA)(DA)(DA)(DG)(DG)(DG)(DA)(DG)(DA)(DC)(DA)
(DA)
;
B
#
# COMPACT_ATOMS: atom_id res chain seq x y z
N ILE A 24 17.97 -0.64 -0.18
CA ILE A 24 17.09 0.32 -0.81
C ILE A 24 15.85 -0.36 -1.38
N ASP A 25 15.90 -1.70 -1.55
CA ASP A 25 14.75 -2.40 -2.08
C ASP A 25 13.56 -2.35 -1.12
N ALA A 26 13.85 -2.26 0.18
CA ALA A 26 12.76 -2.13 1.14
C ALA A 26 11.98 -0.84 0.93
N GLU A 27 12.66 0.24 0.56
CA GLU A 27 11.96 1.48 0.24
C GLU A 27 11.20 1.35 -1.08
N LEU A 28 11.68 0.49 -1.98
CA LEU A 28 10.94 0.22 -3.21
C LEU A 28 9.65 -0.52 -2.92
N TRP A 29 9.69 -1.49 -2.00
CA TRP A 29 8.50 -2.25 -1.65
C TRP A 29 7.37 -1.33 -1.15
N TYR A 30 7.72 -0.37 -0.29
CA TYR A 30 6.69 0.53 0.22
C TYR A 30 6.19 1.48 -0.87
N ALA A 31 7.03 1.78 -1.85
CA ALA A 31 6.57 2.55 -3.00
C ALA A 31 5.54 1.75 -3.81
N CYS A 32 5.87 0.51 -4.15
CA CYS A 32 4.93 -0.34 -4.88
C CYS A 32 3.67 -0.61 -4.05
N ALA A 33 3.78 -0.57 -2.73
CA ALA A 33 2.62 -0.74 -1.86
C ALA A 33 1.73 0.48 -1.92
N GLY A 34 2.24 1.60 -1.40
CA GLY A 34 1.51 2.84 -1.41
C GLY A 34 2.26 3.92 -0.65
N PRO A 35 1.91 5.18 -0.91
CA PRO A 35 2.68 6.28 -0.30
C PRO A 35 2.57 6.33 1.21
N GLN A 36 1.44 5.93 1.77
CA GLN A 36 1.20 6.07 3.21
C GLN A 36 0.96 4.73 3.87
N LYS A 37 1.81 3.74 3.62
CA LYS A 37 1.56 2.42 4.19
C LYS A 37 2.15 2.30 5.60
N ALA A 38 3.44 2.61 5.73
CA ALA A 38 4.11 2.80 7.02
C ALA A 38 3.80 1.64 7.98
N LEU A 39 4.35 0.49 7.64
CA LEU A 39 4.20 -0.69 8.48
C LEU A 39 4.82 -0.43 9.85
N PRO A 40 4.23 -0.95 10.93
CA PRO A 40 4.80 -0.68 12.25
C PRO A 40 6.10 -1.42 12.44
N PRO A 41 7.00 -0.90 13.26
CA PRO A 41 8.35 -1.48 13.34
C PRO A 41 8.36 -2.77 14.16
N VAL A 42 9.16 -3.73 13.69
CA VAL A 42 9.23 -5.02 14.35
C VAL A 42 9.70 -4.84 15.79
N GLY A 43 9.17 -5.66 16.68
CA GLY A 43 9.47 -5.55 18.10
C GLY A 43 8.60 -4.60 18.88
N SER A 44 7.65 -3.92 18.24
CA SER A 44 6.76 -2.98 18.90
C SER A 44 5.38 -3.60 19.09
N VAL A 45 4.69 -3.15 20.14
CA VAL A 45 3.33 -3.62 20.39
C VAL A 45 2.39 -3.00 19.36
N VAL A 46 1.46 -3.82 18.86
CA VAL A 46 0.50 -3.40 17.83
C VAL A 46 -0.89 -3.86 18.23
N ALA A 47 -1.88 -3.26 17.59
CA ALA A 47 -3.28 -3.65 17.77
C ALA A 47 -3.71 -4.44 16.54
N TYR A 48 -4.01 -5.72 16.72
CA TYR A 48 -4.53 -6.54 15.64
C TYR A 48 -6.05 -6.46 15.66
N LEU A 49 -6.63 -6.04 14.53
CA LEU A 49 -8.08 -5.86 14.43
C LEU A 49 -8.64 -6.94 13.51
N PRO A 50 -9.24 -8.00 14.07
CA PRO A 50 -9.66 -9.13 13.22
C PRO A 50 -10.63 -8.75 12.11
N GLN A 51 -11.57 -7.85 12.38
CA GLN A 51 -12.56 -7.49 11.37
C GLN A 51 -11.90 -6.90 10.13
N GLY A 52 -10.81 -6.17 10.30
CA GLY A 52 -10.09 -5.64 9.14
C GLY A 52 -9.37 -6.72 8.36
N HIS A 53 -8.76 -7.68 9.06
CA HIS A 53 -8.18 -8.84 8.40
C HIS A 53 -9.23 -9.57 7.58
N ILE A 54 -10.45 -9.68 8.09
CA ILE A 54 -11.53 -10.33 7.37
C ILE A 54 -11.92 -9.54 6.13
N GLU A 55 -11.94 -8.20 6.23
CA GLU A 55 -12.28 -7.38 5.07
C GLU A 55 -11.28 -7.54 3.94
N GLN A 56 -10.00 -7.76 4.27
CA GLN A 56 -8.99 -7.90 3.22
C GLN A 56 -9.20 -9.18 2.42
N VAL A 57 -9.38 -10.32 3.11
CA VAL A 57 -9.51 -11.61 2.45
C VAL A 57 -10.94 -11.81 1.95
N ALA A 58 -11.69 -10.71 1.81
CA ALA A 58 -13.00 -10.72 1.19
C ALA A 58 -13.04 -9.90 -0.10
N SER A 59 -11.92 -9.33 -0.52
CA SER A 59 -11.85 -8.56 -1.76
C SER A 59 -11.84 -9.51 -2.96
N GLN A 68 -24.33 -23.10 9.15
CA GLN A 68 -23.55 -22.36 8.16
C GLN A 68 -22.07 -22.35 8.54
N ILE A 69 -21.65 -21.33 9.29
CA ILE A 69 -20.25 -21.16 9.70
C ILE A 69 -20.17 -21.19 11.23
N PRO A 70 -19.16 -21.84 11.82
CA PRO A 70 -18.97 -21.74 13.28
C PRO A 70 -18.57 -20.31 13.66
N ARG A 71 -19.27 -19.77 14.66
CA ARG A 71 -18.94 -18.46 15.18
C ARG A 71 -17.90 -18.61 16.29
N TYR A 72 -16.94 -17.69 16.32
CA TYR A 72 -15.81 -17.75 17.24
C TYR A 72 -15.84 -16.53 18.16
N ASN A 73 -15.99 -16.78 19.46
CA ASN A 73 -15.92 -15.71 20.45
C ASN A 73 -14.49 -15.20 20.53
N LEU A 74 -14.28 -13.96 20.08
CA LEU A 74 -12.95 -13.41 19.89
C LEU A 74 -12.97 -11.91 20.14
N PRO A 75 -11.93 -11.34 20.74
CA PRO A 75 -11.93 -9.90 20.99
C PRO A 75 -11.81 -9.09 19.70
N ALA A 76 -12.33 -7.86 19.76
CA ALA A 76 -12.38 -7.01 18.56
C ALA A 76 -11.07 -6.31 18.27
N VAL A 77 -10.20 -6.14 19.27
CA VAL A 77 -8.83 -5.70 19.06
C VAL A 77 -7.93 -6.56 19.94
N ILE A 78 -6.86 -7.08 19.36
CA ILE A 78 -5.94 -7.94 20.10
C ILE A 78 -4.58 -7.27 20.14
N PRO A 79 -4.15 -6.75 21.30
CA PRO A 79 -2.79 -6.19 21.39
C PRO A 79 -1.75 -7.29 21.21
N CYS A 80 -0.86 -7.08 20.25
CA CYS A 80 0.08 -8.11 19.83
C CYS A 80 1.48 -7.52 19.75
N MET A 81 2.47 -8.36 20.00
CA MET A 81 3.86 -8.02 19.73
C MET A 81 4.16 -8.40 18.28
N LEU A 82 4.69 -7.44 17.53
CA LEU A 82 5.08 -7.68 16.14
C LEU A 82 6.43 -8.40 16.14
N ASN A 83 6.41 -9.70 15.83
CA ASN A 83 7.59 -10.56 15.95
C ASN A 83 8.46 -10.58 14.71
N ASP A 84 7.89 -10.40 13.53
CA ASP A 84 8.63 -10.55 12.28
C ASP A 84 7.86 -9.89 11.14
N ILE A 85 8.58 -9.29 10.20
CA ILE A 85 8.02 -8.81 8.96
C ILE A 85 8.85 -9.38 7.82
N GLN A 86 8.19 -9.97 6.82
CA GLN A 86 8.83 -10.49 5.63
C GLN A 86 8.19 -9.81 4.42
N LEU A 87 8.95 -8.95 3.75
CA LEU A 87 8.48 -8.30 2.54
C LEU A 87 8.83 -9.15 1.32
N SER A 88 7.89 -9.24 0.39
CA SER A 88 8.12 -10.07 -0.79
C SER A 88 7.25 -9.56 -1.94
N ALA A 89 7.50 -10.12 -3.12
CA ALA A 89 6.76 -9.75 -4.32
C ALA A 89 6.68 -10.95 -5.24
N ASP A 90 5.51 -11.12 -5.88
CA ASP A 90 5.32 -12.14 -6.89
C ASP A 90 6.02 -11.71 -8.17
N PRO A 91 6.94 -12.52 -8.71
CA PRO A 91 7.66 -12.08 -9.93
C PRO A 91 6.77 -11.83 -11.13
N ASP A 92 5.84 -12.74 -11.44
CA ASP A 92 5.01 -12.60 -12.64
C ASP A 92 3.98 -11.49 -12.46
N SER A 93 3.21 -11.54 -11.39
CA SER A 93 2.16 -10.54 -11.18
C SER A 93 2.71 -9.19 -10.73
N ASP A 94 3.91 -9.15 -10.15
CA ASP A 94 4.58 -7.98 -9.59
C ASP A 94 3.85 -7.40 -8.38
N GLU A 95 2.82 -8.08 -7.88
CA GLU A 95 2.13 -7.60 -6.69
C GLU A 95 3.00 -7.81 -5.45
N VAL A 96 2.79 -6.96 -4.46
CA VAL A 96 3.57 -6.97 -3.22
C VAL A 96 2.69 -7.40 -2.06
N TYR A 97 3.26 -8.20 -1.17
CA TYR A 97 2.60 -8.61 0.06
C TYR A 97 3.67 -8.81 1.12
N ALA A 98 3.24 -8.89 2.37
CA ALA A 98 4.15 -9.12 3.48
C ALA A 98 3.57 -10.17 4.41
N THR A 99 4.42 -11.04 4.94
CA THR A 99 4.07 -11.96 5.99
C THR A 99 4.45 -11.35 7.34
N LEU A 100 3.51 -11.30 8.25
CA LEU A 100 3.74 -10.75 9.59
C LEU A 100 3.46 -11.83 10.63
N THR A 101 4.28 -11.85 11.67
CA THR A 101 4.16 -12.81 12.77
C THR A 101 3.80 -12.05 14.04
N LEU A 102 2.67 -12.38 14.63
CA LEU A 102 2.16 -11.72 15.83
C LEU A 102 2.12 -12.71 17.00
N CYS A 103 2.35 -12.18 18.20
CA CYS A 103 2.11 -12.92 19.43
C CYS A 103 1.28 -12.06 20.37
N PRO A 104 0.03 -12.44 20.66
CA PRO A 104 -0.76 -11.70 21.65
C PRO A 104 -0.12 -11.75 23.04
N MET A 105 -0.42 -10.75 23.85
CA MET A 105 0.21 -10.58 25.16
C MET A 105 -0.83 -10.64 26.27
N SER A 106 -0.35 -10.44 27.50
CA SER A 106 -1.17 -10.64 28.71
C SER A 106 -1.81 -9.35 29.21
N LYS A 125 14.03 9.67 3.93
CA LYS A 125 13.15 9.78 2.77
C LYS A 125 13.95 10.07 1.50
N SER A 126 13.88 9.19 0.52
CA SER A 126 14.65 9.31 -0.71
C SER A 126 13.75 9.72 -1.87
N ARG A 127 14.39 10.26 -2.91
CA ARG A 127 13.67 10.89 -4.01
C ARG A 127 13.08 9.85 -4.95
N SER A 128 11.88 10.13 -5.44
CA SER A 128 11.14 9.19 -6.29
C SER A 128 10.10 9.97 -7.08
N PHE A 129 9.50 9.29 -8.06
CA PHE A 129 8.37 9.84 -8.79
C PHE A 129 7.51 8.70 -9.33
N THR A 130 6.23 9.00 -9.52
CA THR A 130 5.24 8.07 -10.04
C THR A 130 4.56 8.70 -11.25
N LYS A 131 4.26 7.89 -12.25
CA LYS A 131 3.46 8.37 -13.37
C LYS A 131 2.49 7.28 -13.80
N THR A 132 1.21 7.63 -13.91
CA THR A 132 0.23 6.74 -14.51
C THR A 132 0.46 6.69 -16.02
N LEU A 133 0.46 5.48 -16.57
CA LEU A 133 0.82 5.28 -17.97
C LEU A 133 -0.32 5.71 -18.88
N THR A 134 0.03 6.39 -19.98
CA THR A 134 -0.93 6.83 -20.97
C THR A 134 -0.92 5.88 -22.18
N VAL A 135 -1.75 6.20 -23.17
CA VAL A 135 -1.85 5.34 -24.35
C VAL A 135 -0.54 5.33 -25.12
N SER A 136 0.01 6.51 -25.40
CA SER A 136 1.25 6.59 -26.17
C SER A 136 2.41 5.91 -25.45
N ASP A 137 2.34 5.81 -24.12
CA ASP A 137 3.39 5.13 -23.38
C ASP A 137 3.34 3.62 -23.60
N THR A 138 2.13 3.06 -23.67
CA THR A 138 1.95 1.62 -23.87
C THR A 138 1.92 1.23 -25.34
N SER A 139 1.35 2.09 -26.19
CA SER A 139 1.22 1.78 -27.60
C SER A 139 2.58 1.50 -28.23
N THR A 140 2.57 0.76 -29.34
CA THR A 140 3.81 0.31 -29.96
C THR A 140 4.66 1.48 -30.43
N HIS A 141 4.03 2.51 -30.97
CA HIS A 141 4.76 3.65 -31.50
C HIS A 141 5.24 4.55 -30.37
N GLY A 142 6.40 5.18 -30.57
CA GLY A 142 6.88 6.17 -29.64
C GLY A 142 7.61 5.56 -28.46
N GLY A 143 7.55 6.25 -27.33
CA GLY A 143 8.23 5.81 -26.12
C GLY A 143 7.49 6.13 -24.83
N PHE A 144 8.20 6.77 -23.89
CA PHE A 144 7.67 7.12 -22.59
C PHE A 144 7.96 8.59 -22.30
N SER A 145 6.92 9.34 -21.96
CA SER A 145 7.07 10.76 -21.62
C SER A 145 7.32 10.88 -20.13
N VAL A 146 8.51 11.35 -19.75
CA VAL A 146 8.87 11.55 -18.35
C VAL A 146 8.43 12.95 -17.93
N PRO A 147 7.71 13.08 -16.81
CA PRO A 147 7.31 14.42 -16.36
C PRO A 147 8.51 15.32 -16.10
N ARG A 148 8.31 16.62 -16.27
CA ARG A 148 9.40 17.57 -16.15
C ARG A 148 9.95 17.60 -14.73
N ARG A 149 9.07 17.64 -13.72
CA ARG A 149 9.55 17.62 -12.35
C ARG A 149 10.25 16.32 -12.01
N ALA A 150 9.89 15.23 -12.71
CA ALA A 150 10.45 13.92 -12.40
C ALA A 150 11.93 13.85 -12.75
N ALA A 151 12.32 14.42 -13.89
CA ALA A 151 13.69 14.27 -14.37
C ALA A 151 14.69 15.03 -13.49
N ASP A 152 14.28 16.17 -12.94
CA ASP A 152 15.20 17.00 -12.18
C ASP A 152 15.41 16.50 -10.76
N ASP A 153 14.37 15.94 -10.13
CA ASP A 153 14.45 15.54 -8.74
C ASP A 153 14.79 14.06 -8.56
N CYS A 154 14.52 13.22 -9.55
CA CYS A 154 14.73 11.78 -9.42
C CYS A 154 15.82 11.28 -10.36
N LEU A 155 15.60 11.29 -11.67
CA LEU A 155 16.60 10.83 -12.61
C LEU A 155 17.89 11.64 -12.46
N PRO A 156 19.04 11.01 -12.69
CA PRO A 156 20.30 11.76 -12.68
C PRO A 156 20.26 12.90 -13.68
N LYS A 157 20.97 13.99 -13.36
CA LYS A 157 20.91 15.18 -14.18
C LYS A 157 21.68 14.97 -15.48
N LEU A 158 21.02 15.27 -16.60
CA LEU A 158 21.63 15.11 -17.91
C LEU A 158 22.71 16.16 -18.14
N ASP A 159 23.71 15.79 -18.93
CA ASP A 159 24.73 16.74 -19.39
C ASP A 159 24.20 17.48 -20.60
N MET A 160 23.66 18.69 -20.39
CA MET A 160 23.05 19.47 -21.47
C MET A 160 24.07 20.09 -22.41
N SER A 161 25.37 19.91 -22.17
CA SER A 161 26.37 20.34 -23.15
C SER A 161 26.26 19.56 -24.45
N LEU A 162 25.94 18.28 -24.37
CA LEU A 162 25.78 17.42 -25.54
C LEU A 162 24.49 17.78 -26.29
N ASN A 163 24.34 17.17 -27.46
CA ASN A 163 23.11 17.30 -28.23
C ASN A 163 22.84 16.06 -29.06
N PRO A 164 21.75 15.34 -28.76
CA PRO A 164 20.82 15.57 -27.66
C PRO A 164 21.42 15.06 -26.35
N PRO A 165 21.15 15.69 -25.22
CA PRO A 165 21.61 15.13 -23.94
C PRO A 165 21.02 13.75 -23.73
N ASN A 166 21.86 12.81 -23.30
CA ASN A 166 21.41 11.44 -23.19
C ASN A 166 22.31 10.67 -22.23
N GLN A 167 21.76 9.62 -21.64
CA GLN A 167 22.49 8.73 -20.75
C GLN A 167 21.83 7.37 -20.77
N GLU A 168 22.62 6.33 -20.56
CA GLU A 168 22.09 4.97 -20.40
C GLU A 168 21.72 4.77 -18.93
N LEU A 169 20.43 4.65 -18.66
CA LEU A 169 19.93 4.42 -17.31
C LEU A 169 19.79 2.92 -17.07
N VAL A 170 20.28 2.46 -15.93
CA VAL A 170 20.16 1.06 -15.53
C VAL A 170 19.40 1.04 -14.21
N ALA A 171 18.27 0.32 -14.17
CA ALA A 171 17.40 0.29 -13.01
C ALA A 171 17.14 -1.14 -12.59
N LYS A 172 16.91 -1.32 -11.29
CA LYS A 172 16.61 -2.63 -10.71
C LYS A 172 15.16 -2.66 -10.27
N ASP A 173 14.48 -3.77 -10.53
CA ASP A 173 13.13 -3.97 -10.04
C ASP A 173 13.17 -4.74 -8.72
N LEU A 174 11.99 -5.16 -8.25
CA LEU A 174 11.89 -5.79 -6.93
C LEU A 174 12.69 -7.09 -6.85
N HIS A 175 13.00 -7.71 -7.98
CA HIS A 175 13.59 -9.04 -8.00
C HIS A 175 15.02 -9.04 -8.54
N GLY A 176 15.72 -7.91 -8.45
CA GLY A 176 17.14 -7.84 -8.78
C GLY A 176 17.47 -7.71 -10.25
N ASN A 177 16.49 -7.81 -11.14
CA ASN A 177 16.75 -7.67 -12.57
C ASN A 177 17.24 -6.26 -12.90
N GLU A 178 17.87 -6.13 -14.06
CA GLU A 178 18.34 -4.85 -14.56
C GLU A 178 17.62 -4.50 -15.85
N TRP A 179 17.26 -3.22 -15.99
CA TRP A 179 16.61 -2.71 -17.19
C TRP A 179 17.39 -1.50 -17.68
N ARG A 180 17.81 -1.54 -18.95
CA ARG A 180 18.54 -0.44 -19.56
C ARG A 180 17.56 0.41 -20.35
N PHE A 181 17.32 1.62 -19.87
CA PHE A 181 16.56 2.62 -20.60
C PHE A 181 17.51 3.67 -21.15
N ARG A 182 17.15 4.23 -22.30
CA ARG A 182 17.84 5.39 -22.85
C ARG A 182 17.01 6.63 -22.56
N HIS A 183 17.61 7.57 -21.84
CA HIS A 183 16.95 8.78 -21.38
C HIS A 183 17.45 9.94 -22.22
N ILE A 184 16.55 10.55 -22.98
CA ILE A 184 16.92 11.56 -23.96
C ILE A 184 16.11 12.83 -23.73
N PHE A 185 16.64 13.94 -24.24
CA PHE A 185 16.01 15.26 -24.19
C PHE A 185 15.89 15.76 -25.62
N ARG A 186 14.68 15.68 -26.19
CA ARG A 186 14.48 15.99 -27.60
C ARG A 186 13.02 16.44 -27.79
N GLY A 187 12.61 16.59 -29.05
CA GLY A 187 11.31 17.09 -29.39
C GLY A 187 11.26 18.59 -29.50
N GLN A 188 10.17 19.09 -30.08
CA GLN A 188 9.93 20.53 -30.09
C GLN A 188 8.47 20.79 -29.82
N PRO A 189 8.12 21.40 -28.68
CA PRO A 189 9.01 21.90 -27.62
C PRO A 189 9.69 20.78 -26.84
N LYS A 190 10.85 21.05 -26.23
CA LYS A 190 11.67 19.99 -25.64
C LYS A 190 10.95 19.28 -24.50
N ARG A 191 11.34 18.03 -24.27
CA ARG A 191 10.68 17.19 -23.28
C ARG A 191 11.58 16.02 -22.96
N HIS A 192 11.45 15.48 -21.75
CA HIS A 192 12.22 14.31 -21.32
C HIS A 192 11.49 13.05 -21.75
N LEU A 193 12.16 12.20 -22.53
CA LEU A 193 11.59 10.94 -22.98
C LEU A 193 12.46 9.76 -22.54
N LEU A 194 11.84 8.58 -22.60
CA LEU A 194 12.51 7.30 -22.46
C LEU A 194 12.24 6.52 -23.74
N THR A 195 13.30 6.03 -24.38
CA THR A 195 13.15 5.36 -25.68
C THR A 195 13.57 3.90 -25.63
N THR A 196 14.88 3.60 -25.60
CA THR A 196 15.38 2.30 -26.03
C THR A 196 14.79 1.15 -25.22
N GLY A 197 14.88 1.21 -23.90
CA GLY A 197 14.38 0.09 -23.12
C GLY A 197 12.90 0.06 -22.88
N TRP A 198 12.14 1.05 -23.36
CA TRP A 198 10.74 1.15 -23.00
C TRP A 198 9.90 0.06 -23.66
N SER A 199 10.11 -0.16 -24.96
CA SER A 199 9.33 -1.15 -25.68
C SER A 199 9.46 -2.53 -25.04
N VAL A 200 10.68 -2.89 -24.64
CA VAL A 200 10.91 -4.17 -23.99
C VAL A 200 10.24 -4.21 -22.62
N PHE A 201 10.34 -3.11 -21.87
CA PHE A 201 9.84 -3.10 -20.50
C PHE A 201 8.32 -3.24 -20.45
N VAL A 202 7.61 -2.56 -21.35
CA VAL A 202 6.15 -2.64 -21.34
C VAL A 202 5.65 -4.02 -21.74
N SER A 203 6.43 -4.76 -22.53
CA SER A 203 5.98 -6.03 -23.07
C SER A 203 6.22 -7.20 -22.11
N GLN A 204 7.36 -7.24 -21.43
CA GLN A 204 7.61 -8.33 -20.49
C GLN A 204 6.80 -8.18 -19.21
N LYS A 205 6.66 -6.95 -18.72
CA LYS A 205 5.85 -6.69 -17.54
C LYS A 205 4.38 -6.50 -17.89
N ARG A 206 4.02 -6.58 -19.17
CA ARG A 206 2.64 -6.58 -19.64
C ARG A 206 1.84 -5.41 -19.07
N LEU A 207 2.44 -4.23 -19.15
CA LEU A 207 1.75 -3.02 -18.70
C LEU A 207 0.79 -2.54 -19.78
N VAL A 208 -0.32 -1.94 -19.34
CA VAL A 208 -1.27 -1.29 -20.22
C VAL A 208 -1.49 0.13 -19.69
N ALA A 209 -2.35 0.89 -20.38
CA ALA A 209 -2.69 2.22 -19.91
C ALA A 209 -3.50 2.13 -18.62
N GLY A 210 -3.33 3.13 -17.75
CA GLY A 210 -3.98 3.15 -16.47
C GLY A 210 -3.15 2.58 -15.33
N ASP A 211 -2.18 1.73 -15.62
CA ASP A 211 -1.20 1.32 -14.61
C ASP A 211 -0.24 2.48 -14.36
N ALA A 212 0.80 2.23 -13.58
CA ALA A 212 1.74 3.28 -13.24
C ALA A 212 3.12 2.68 -13.03
N VAL A 213 4.14 3.44 -13.41
CA VAL A 213 5.53 3.04 -13.18
C VAL A 213 6.09 3.91 -12.07
N LEU A 214 6.98 3.33 -11.28
CA LEU A 214 7.68 4.03 -10.22
C LEU A 214 9.17 4.01 -10.51
N PHE A 215 9.82 5.14 -10.29
CA PHE A 215 11.28 5.21 -10.28
C PHE A 215 11.72 5.74 -8.93
N LEU A 216 12.80 5.17 -8.41
CA LEU A 216 13.28 5.49 -7.08
C LEU A 216 14.80 5.48 -7.10
N ARG A 217 15.41 6.63 -6.87
CA ARG A 217 16.84 6.72 -6.66
C ARG A 217 17.10 6.86 -5.17
N GLY A 218 17.96 6.00 -4.63
CA GLY A 218 18.48 6.19 -3.30
C GLY A 218 19.63 7.17 -3.34
N GLU A 219 20.20 7.43 -2.16
CA GLU A 219 21.44 8.18 -2.11
C GLU A 219 22.56 7.40 -2.79
N ASN A 220 22.46 6.07 -2.80
CA ASN A 220 23.36 5.24 -3.59
C ASN A 220 23.15 5.51 -5.08
N GLY A 221 24.12 5.08 -5.88
CA GLY A 221 23.98 5.22 -7.31
C GLY A 221 22.85 4.40 -7.91
N GLN A 222 22.36 3.41 -7.18
CA GLN A 222 21.40 2.47 -7.73
C GLN A 222 20.04 3.13 -7.97
N LEU A 223 19.52 2.94 -9.18
CA LEU A 223 18.17 3.35 -9.54
C LEU A 223 17.26 2.14 -9.48
N ARG A 224 16.05 2.33 -8.94
CA ARG A 224 15.10 1.25 -8.75
C ARG A 224 13.80 1.57 -9.47
N VAL A 225 13.22 0.55 -10.11
CA VAL A 225 11.98 0.69 -10.86
C VAL A 225 10.95 -0.30 -10.33
N GLY A 226 9.67 0.07 -10.44
CA GLY A 226 8.59 -0.78 -10.02
C GLY A 226 7.33 -0.37 -10.74
N VAL A 227 6.34 -1.27 -10.73
CA VAL A 227 5.06 -1.01 -11.36
C VAL A 227 3.93 -1.32 -10.37
N ARG A 228 2.85 -0.55 -10.48
CA ARG A 228 1.65 -0.75 -9.67
C ARG A 228 0.47 -0.86 -10.64
N ARG A 229 -0.15 -2.03 -10.68
CA ARG A 229 -1.17 -2.29 -11.69
C ARG A 229 -2.52 -1.71 -11.26
N ALA A 230 -3.30 -1.28 -12.25
CA ALA A 230 -4.61 -0.70 -11.99
C ALA A 230 -5.53 -1.74 -11.35
N PRO A 231 -6.37 -1.33 -10.38
CA PRO A 231 -7.26 -2.25 -9.68
C PRO A 231 -8.38 -2.81 -10.57
N PRO A 238 -10.65 -16.39 -5.82
CA PRO A 238 -10.82 -17.55 -4.95
C PRO A 238 -10.41 -18.84 -5.65
N LYS A 239 -9.13 -19.21 -5.54
CA LYS A 239 -8.58 -20.31 -6.30
C LYS A 239 -7.95 -21.41 -5.46
N VAL A 240 -7.88 -21.24 -4.13
CA VAL A 240 -7.27 -22.24 -3.26
C VAL A 240 -8.23 -22.68 -2.15
N LEU A 241 -8.95 -21.75 -1.54
CA LEU A 241 -9.96 -22.06 -0.53
C LEU A 241 -11.23 -21.25 -0.81
N THR A 242 -12.36 -21.80 -0.37
CA THR A 242 -13.60 -21.07 -0.45
C THR A 242 -13.61 -19.93 0.56
N SER A 243 -14.53 -18.99 0.36
CA SER A 243 -14.65 -17.87 1.29
C SER A 243 -14.98 -18.30 2.71
N PRO A 244 -15.98 -19.18 2.95
CA PRO A 244 -16.23 -19.60 4.34
C PRO A 244 -15.02 -20.23 5.01
N THR A 245 -14.26 -21.07 4.29
CA THR A 245 -13.08 -21.67 4.89
C THR A 245 -12.01 -20.63 5.20
N MET A 246 -11.79 -19.67 4.28
CA MET A 246 -10.86 -18.57 4.56
C MET A 246 -11.30 -17.78 5.79
N HIS A 247 -12.58 -17.40 5.83
CA HIS A 247 -13.15 -16.76 7.01
C HIS A 247 -12.83 -17.56 8.27
N ILE A 248 -13.25 -18.83 8.31
CA ILE A 248 -13.05 -19.66 9.49
C ILE A 248 -11.57 -19.73 9.86
N GLY A 249 -10.70 -19.82 8.86
CA GLY A 249 -9.27 -19.92 9.14
C GLY A 249 -8.74 -18.72 9.89
N VAL A 250 -9.05 -17.51 9.40
CA VAL A 250 -8.58 -16.28 10.03
C VAL A 250 -9.00 -16.24 11.50
N LEU A 251 -10.30 -16.40 11.77
CA LEU A 251 -10.82 -16.28 13.12
C LEU A 251 -10.32 -17.40 14.03
N ALA A 252 -10.14 -18.62 13.49
CA ALA A 252 -9.68 -19.71 14.34
C ALA A 252 -8.22 -19.56 14.71
N ALA A 253 -7.37 -19.20 13.74
CA ALA A 253 -5.98 -18.92 14.07
C ALA A 253 -5.89 -17.80 15.10
N ALA A 254 -6.69 -16.75 14.93
CA ALA A 254 -6.68 -15.64 15.89
C ALA A 254 -7.19 -16.08 17.25
N ALA A 255 -8.27 -16.89 17.27
CA ALA A 255 -8.85 -17.32 18.54
C ALA A 255 -7.87 -18.14 19.36
N HIS A 256 -7.23 -19.13 18.72
CA HIS A 256 -6.21 -19.92 19.41
C HIS A 256 -5.05 -19.05 19.85
N ALA A 257 -4.57 -18.18 18.97
CA ALA A 257 -3.44 -17.33 19.29
C ALA A 257 -3.77 -16.39 20.45
N ALA A 258 -5.02 -15.91 20.52
CA ALA A 258 -5.40 -15.01 21.60
C ALA A 258 -5.58 -15.73 22.93
N THR A 259 -6.16 -16.93 22.90
CA THR A 259 -6.36 -17.68 24.14
C THR A 259 -5.05 -18.20 24.70
N GLU A 260 -4.22 -18.80 23.84
CA GLU A 260 -2.99 -19.44 24.26
C GLU A 260 -1.82 -18.47 24.41
N LYS A 261 -1.94 -17.25 23.88
CA LYS A 261 -0.83 -16.30 23.82
C LYS A 261 0.36 -16.91 23.07
N SER A 262 0.08 -17.43 21.87
CA SER A 262 1.07 -18.10 21.05
C SER A 262 1.17 -17.41 19.69
N ARG A 263 2.25 -17.70 18.98
CA ARG A 263 2.52 -17.04 17.71
C ARG A 263 1.53 -17.46 16.64
N PHE A 264 1.12 -16.50 15.82
CA PHE A 264 0.36 -16.76 14.61
C PHE A 264 0.80 -15.77 13.55
N SER A 265 0.37 -16.00 12.32
CA SER A 265 0.90 -15.25 11.19
C SER A 265 -0.24 -14.82 10.27
N LEU A 266 0.03 -13.77 9.49
CA LEU A 266 -0.95 -13.31 8.52
C LEU A 266 -0.21 -12.67 7.35
N ILE A 267 -0.97 -12.42 6.28
CA ILE A 267 -0.44 -11.82 5.07
C ILE A 267 -1.11 -10.48 4.86
N TYR A 268 -0.32 -9.43 4.69
CA TYR A 268 -0.80 -8.09 4.39
C TYR A 268 -0.69 -7.84 2.88
N ASN A 269 -1.82 -7.47 2.26
CA ASN A 269 -1.87 -7.10 0.84
C ASN A 269 -2.20 -5.62 0.75
N PRO A 270 -1.21 -4.72 0.81
CA PRO A 270 -1.51 -3.29 0.90
C PRO A 270 -2.40 -2.76 -0.22
N ARG A 271 -2.22 -3.28 -1.43
CA ARG A 271 -3.07 -2.83 -2.53
C ARG A 271 -4.50 -3.36 -2.38
N SER A 272 -4.65 -4.60 -1.91
CA SER A 272 -5.96 -5.22 -1.73
C SER A 272 -6.56 -4.92 -0.37
N CYS A 273 -5.99 -3.99 0.39
CA CYS A 273 -6.42 -3.70 1.74
C CYS A 273 -7.15 -2.37 1.80
N PRO A 274 -8.46 -2.35 2.10
CA PRO A 274 -9.16 -1.05 2.18
C PRO A 274 -8.66 -0.17 3.30
N SER A 275 -8.25 -0.75 4.42
CA SER A 275 -7.68 0.01 5.53
C SER A 275 -6.85 -0.92 6.39
N GLU A 276 -5.81 -0.35 7.01
CA GLU A 276 -4.88 -1.15 7.79
C GLU A 276 -5.57 -1.80 8.98
N PHE A 277 -5.22 -3.06 9.25
CA PHE A 277 -5.76 -3.78 10.39
C PHE A 277 -4.69 -4.19 11.40
N VAL A 278 -3.43 -3.86 11.15
CA VAL A 278 -2.36 -3.98 12.14
C VAL A 278 -1.77 -2.59 12.31
N ILE A 279 -2.12 -1.92 13.41
CA ILE A 279 -1.69 -0.54 13.62
C ILE A 279 -0.96 -0.47 14.95
N PRO A 280 -0.09 0.52 15.14
CA PRO A 280 0.59 0.68 16.43
C PRO A 280 -0.42 0.72 17.57
N TYR A 281 -0.08 0.03 18.66
CA TYR A 281 -1.04 -0.05 19.77
C TYR A 281 -1.28 1.31 20.40
N SER A 282 -0.26 2.18 20.41
CA SER A 282 -0.45 3.52 20.96
C SER A 282 -1.38 4.35 20.08
N LYS A 283 -1.35 4.15 18.76
CA LYS A 283 -2.25 4.88 17.89
C LYS A 283 -3.69 4.43 18.08
N TYR A 284 -3.90 3.14 18.36
CA TYR A 284 -5.24 2.66 18.69
C TYR A 284 -5.72 3.27 20.01
N LEU A 285 -4.83 3.29 21.02
CA LEU A 285 -5.24 3.72 22.35
C LEU A 285 -5.55 5.21 22.39
N LYS A 286 -4.79 6.03 21.67
CA LYS A 286 -5.02 7.47 21.68
C LYS A 286 -6.38 7.81 21.07
N ALA A 287 -6.74 7.13 19.98
CA ALA A 287 -8.01 7.44 19.31
C ALA A 287 -9.21 6.96 20.12
N VAL A 288 -9.05 5.86 20.87
CA VAL A 288 -10.16 5.37 21.70
C VAL A 288 -10.31 6.24 22.94
N LYS A 289 -9.20 6.74 23.48
CA LYS A 289 -9.27 7.66 24.61
C LYS A 289 -9.95 8.97 24.22
N SER A 290 -9.54 9.53 23.09
CA SER A 290 -10.13 10.77 22.62
C SER A 290 -11.61 10.58 22.32
N ASN A 291 -12.43 11.53 22.77
CA ASN A 291 -13.87 11.48 22.60
C ASN A 291 -14.26 12.26 21.35
N PHE A 292 -14.92 11.58 20.43
CA PHE A 292 -15.55 12.23 19.30
C PHE A 292 -17.01 12.47 19.61
N ASN A 293 -17.56 13.55 19.07
CA ASN A 293 -18.99 13.83 19.18
C ASN A 293 -19.53 14.18 17.81
N VAL A 294 -20.85 14.03 17.67
CA VAL A 294 -21.50 14.33 16.41
C VAL A 294 -21.28 15.78 16.03
N GLY A 295 -21.17 16.05 14.73
CA GLY A 295 -20.94 17.39 14.23
C GLY A 295 -19.50 17.85 14.30
N GLN A 296 -18.59 17.03 14.82
CA GLN A 296 -17.19 17.40 14.85
C GLN A 296 -16.61 17.44 13.44
N ARG A 297 -15.62 18.30 13.24
CA ARG A 297 -14.95 18.46 11.96
C ARG A 297 -13.65 17.68 11.96
N PHE A 298 -13.48 16.81 10.97
CA PHE A 298 -12.29 15.98 10.85
C PHE A 298 -11.72 16.06 9.45
N LYS A 299 -10.46 15.61 9.33
CA LYS A 299 -9.78 15.53 8.05
C LYS A 299 -9.14 14.15 7.89
N MET A 300 -8.97 13.73 6.64
CA MET A 300 -8.28 12.48 6.33
C MET A 300 -8.01 12.36 4.84
N ARG A 311 -5.96 16.38 1.12
CA ARG A 311 -6.65 15.76 2.25
C ARG A 311 -8.15 16.08 2.24
N HIS A 312 -8.97 15.04 2.35
CA HIS A 312 -10.41 15.20 2.33
C HIS A 312 -10.93 15.69 3.68
N THR A 313 -12.09 16.36 3.65
CA THR A 313 -12.69 16.94 4.84
C THR A 313 -14.12 16.43 4.97
N GLY A 314 -14.55 16.20 6.22
CA GLY A 314 -15.88 15.67 6.47
C GLY A 314 -16.33 15.99 7.87
N THR A 315 -17.58 15.59 8.15
CA THR A 315 -18.24 15.86 9.42
C THR A 315 -18.76 14.55 10.02
N ILE A 316 -18.65 14.42 11.33
CA ILE A 316 -19.08 13.21 12.03
C ILE A 316 -20.58 13.28 12.29
N THR A 317 -21.33 12.35 11.70
CA THR A 317 -22.78 12.36 11.79
C THR A 317 -23.34 11.40 12.84
N GLY A 318 -22.52 10.51 13.36
CA GLY A 318 -22.98 9.55 14.36
C GLY A 318 -21.84 8.68 14.84
N ILE A 319 -22.07 8.06 16.01
CA ILE A 319 -21.07 7.20 16.64
C ILE A 319 -21.76 5.98 17.24
N CYS A 320 -21.66 4.85 16.55
CA CYS A 320 -22.27 3.61 17.02
C CYS A 320 -21.41 2.43 16.55
N ASP A 321 -21.92 1.22 16.75
CA ASP A 321 -21.19 0.02 16.37
C ASP A 321 -21.41 -0.31 14.90
N PHE A 322 -20.33 -0.72 14.23
CA PHE A 322 -20.42 -1.13 12.83
C PHE A 322 -21.17 -2.44 12.68
N ASP A 323 -21.08 -3.33 13.67
CA ASP A 323 -21.73 -4.63 13.60
C ASP A 323 -22.06 -5.07 15.02
N PRO A 324 -23.23 -4.71 15.53
CA PRO A 324 -23.58 -5.06 16.92
C PRO A 324 -23.78 -6.55 17.14
N ALA A 325 -24.09 -7.32 16.09
CA ALA A 325 -24.34 -8.75 16.26
C ALA A 325 -23.05 -9.53 16.40
N ARG A 326 -22.18 -9.46 15.39
CA ARG A 326 -20.96 -10.25 15.39
C ARG A 326 -19.88 -9.62 16.27
N TRP A 327 -19.64 -8.31 16.11
CA TRP A 327 -18.52 -7.62 16.75
C TRP A 327 -19.03 -6.49 17.64
N PRO A 328 -19.69 -6.80 18.75
CA PRO A 328 -20.24 -5.74 19.60
C PRO A 328 -19.15 -4.98 20.35
N GLY A 329 -19.44 -3.72 20.64
CA GLY A 329 -18.54 -2.88 21.41
C GLY A 329 -17.25 -2.52 20.72
N SER A 330 -17.13 -2.74 19.42
CA SER A 330 -15.88 -2.54 18.70
C SER A 330 -15.77 -1.11 18.18
N GLU A 331 -14.55 -0.59 18.20
CA GLU A 331 -14.25 0.72 17.61
C GLU A 331 -13.96 0.65 16.12
N TRP A 332 -14.08 -0.53 15.50
CA TRP A 332 -13.76 -0.68 14.08
C TRP A 332 -14.85 -0.03 13.24
N ARG A 333 -14.47 0.97 12.44
CA ARG A 333 -15.39 1.74 11.61
C ARG A 333 -16.56 2.27 12.44
N SER A 334 -16.26 2.68 13.68
CA SER A 334 -17.28 3.08 14.62
C SER A 334 -17.80 4.50 14.39
N LEU A 335 -17.21 5.25 13.47
CA LEU A 335 -17.59 6.64 13.23
C LEU A 335 -18.37 6.74 11.92
N GLN A 336 -19.52 7.42 11.97
CA GLN A 336 -20.33 7.69 10.78
C GLN A 336 -20.06 9.11 10.32
N VAL A 337 -19.66 9.26 9.06
CA VAL A 337 -19.25 10.54 8.52
C VAL A 337 -19.95 10.79 7.20
N ASN A 338 -20.22 12.06 6.92
CA ASN A 338 -20.61 12.48 5.57
C ASN A 338 -19.47 13.27 4.94
N TRP A 339 -19.20 12.97 3.68
CA TRP A 339 -18.07 13.61 2.99
C TRP A 339 -18.51 14.96 2.44
N ASP A 340 -17.62 15.94 2.55
CA ASP A 340 -17.94 17.28 2.07
C ASP A 340 -18.06 17.32 0.56
N GLU A 341 -17.12 16.69 -0.14
CA GLU A 341 -17.15 16.60 -1.60
C GLU A 341 -17.58 15.19 -2.00
N SER A 342 -18.56 15.11 -2.91
CA SER A 342 -19.03 13.80 -3.37
C SER A 342 -17.93 13.03 -4.09
N SER A 343 -17.03 13.72 -4.79
CA SER A 343 -15.93 13.08 -5.49
C SER A 343 -14.90 12.49 -4.53
N GLN A 348 -17.04 4.98 1.10
CA GLN A 348 -17.30 4.49 2.45
C GLN A 348 -17.57 5.66 3.40
N GLU A 349 -18.71 5.61 4.08
CA GLU A 349 -19.13 6.65 5.01
C GLU A 349 -18.95 6.25 6.46
N ARG A 350 -18.31 5.12 6.73
CA ARG A 350 -18.03 4.65 8.09
C ARG A 350 -16.55 4.41 8.23
N VAL A 351 -15.91 5.15 9.14
CA VAL A 351 -14.46 5.10 9.31
C VAL A 351 -14.13 4.93 10.79
N SER A 352 -12.88 4.52 11.05
CA SER A 352 -12.39 4.23 12.40
C SER A 352 -11.78 5.48 13.02
N PRO A 353 -11.79 5.58 14.35
CA PRO A 353 -11.26 6.78 15.02
C PRO A 353 -9.83 7.13 14.62
N TRP A 354 -8.94 6.14 14.50
CA TRP A 354 -7.54 6.46 14.27
C TRP A 354 -7.26 6.94 12.85
N GLU A 355 -8.18 6.70 11.91
CA GLU A 355 -7.95 7.17 10.54
C GLU A 355 -8.24 8.66 10.39
N VAL A 356 -9.12 9.21 11.22
CA VAL A 356 -9.54 10.61 11.10
C VAL A 356 -8.77 11.44 12.09
N GLU A 357 -8.58 12.71 11.74
CA GLU A 357 -7.93 13.69 12.60
C GLU A 357 -8.85 14.91 12.70
N PRO A 358 -9.20 15.37 13.91
CA PRO A 358 -10.19 16.43 14.12
C PRO A 358 -9.86 17.75 13.41
#